data_6A9U
#
_entry.id   6A9U
#
_cell.length_a   148.089
_cell.length_b   148.089
_cell.length_c   124.989
_cell.angle_alpha   90.00
_cell.angle_beta   90.00
_cell.angle_gamma   90.00
#
_symmetry.space_group_name_H-M   'I 4 2 2'
#
loop_
_entity.id
_entity.type
_entity.pdbx_description
1 polymer 'Intermediate cleaving peptidase 55'
2 polymer apstatin
3 non-polymer 'MANGANESE (II) ION'
4 water water
#
loop_
_entity_poly.entity_id
_entity_poly.type
_entity_poly.pdbx_seq_one_letter_code
_entity_poly.pdbx_strand_id
1 'polypeptide(L)'
;GSGELTPGISALEYYERRIRLAETLPPKSCVILAGNDIQFASGAVFYPFQQENDLFYLSGWNEPNSVMILEKPTDSLSDT
IFHMLVPPKDAFAEKWEGFRSGVYGVQEIFNADESASINDLSKYLPKIINRNEFIYFDMLSTSNPSSSNFKHIKSLLDGS
GNSNRSLNSIANKTIKPISKRIAEFRKIKSPQELRIMRRAGQISGRSFNQAFAKRFRNERTLDSFLHYKFISGGCDKDAY
IPVVATGSNSLCIHYTRNDDVMFDDEMVLVDAAGSLGGYCADISRTWPNSGKFTDAQRDLYEAVLNVQRDCIKLCKASNN
YSLHDIHEKSITLMKQELKNLGIDKVSGWNVEKLYPHYIGHNLGLDVHDVPKVSRYEPLKVGQVITIEPGLYIPNEESFP
SYFRNVGIRIEDDIAIGEDTYTNLTVEAVKEIDDLENVMQNGLSTKFEEDQVAPL
;
A
2 'polypeptide(L)' (01B)PPA(NH2) B
#
# COMPACT_ATOMS: atom_id res chain seq x y z
N GLY A 3 -10.48 -18.15 16.71
CA GLY A 3 -11.66 -17.33 16.87
C GLY A 3 -11.67 -16.07 16.03
N GLU A 4 -10.89 -16.08 14.95
CA GLU A 4 -10.81 -14.95 14.03
C GLU A 4 -11.80 -15.12 12.88
N LEU A 5 -12.09 -14.01 12.22
CA LEU A 5 -12.93 -14.01 11.02
C LEU A 5 -12.11 -13.99 9.74
N THR A 6 -11.16 -13.06 9.63
CA THR A 6 -10.16 -13.05 8.58
C THR A 6 -8.79 -13.10 9.26
N PRO A 7 -7.69 -13.37 8.55
CA PRO A 7 -6.38 -13.45 9.21
C PRO A 7 -6.00 -12.19 9.97
N GLY A 8 -6.08 -12.25 11.31
CA GLY A 8 -5.63 -11.18 12.17
C GLY A 8 -6.73 -10.34 12.79
N ILE A 9 -7.97 -10.43 12.31
CA ILE A 9 -9.06 -9.57 12.75
C ILE A 9 -10.20 -10.44 13.27
N SER A 10 -10.69 -10.12 14.46
CA SER A 10 -11.79 -10.84 15.07
C SER A 10 -13.13 -10.21 14.67
N ALA A 11 -14.20 -11.01 14.84
CA ALA A 11 -15.54 -10.55 14.47
C ALA A 11 -16.01 -9.37 15.32
N LEU A 12 -15.40 -9.15 16.48
CA LEU A 12 -15.82 -8.04 17.35
C LEU A 12 -15.29 -6.70 16.85
N GLU A 13 -14.10 -6.66 16.27
CA GLU A 13 -13.57 -5.42 15.72
C GLU A 13 -14.41 -4.96 14.52
N TYR A 14 -14.82 -5.91 13.67
CA TYR A 14 -15.69 -5.56 12.54
C TYR A 14 -16.99 -4.90 13.02
N TYR A 15 -17.54 -5.39 14.14
CA TYR A 15 -18.75 -4.80 14.70
C TYR A 15 -18.50 -3.39 15.22
N GLU A 16 -17.33 -3.16 15.82
CA GLU A 16 -17.03 -1.84 16.37
C GLU A 16 -16.78 -0.81 15.26
N ARG A 17 -16.30 -1.25 14.09
CA ARG A 17 -16.11 -0.32 12.99
C ARG A 17 -17.46 0.22 12.49
N ARG A 18 -18.49 -0.63 12.47
CA ARG A 18 -19.81 -0.21 12.04
C ARG A 18 -20.45 0.75 13.03
N ILE A 19 -20.18 0.57 14.33
CA ILE A 19 -20.75 1.46 15.34
C ILE A 19 -20.15 2.85 15.22
N ARG A 20 -18.86 2.94 14.91
CA ARG A 20 -18.19 4.24 14.85
C ARG A 20 -18.72 5.08 13.68
N LEU A 21 -19.02 4.45 12.55
CA LEU A 21 -19.58 5.21 11.43
C LEU A 21 -21.00 5.68 11.74
N ALA A 22 -21.81 4.83 12.37
CA ALA A 22 -23.17 5.21 12.73
C ALA A 22 -23.22 6.37 13.70
N GLU A 23 -22.16 6.60 14.47
CA GLU A 23 -22.10 7.71 15.42
C GLU A 23 -21.96 9.07 14.75
N THR A 24 -21.88 9.11 13.42
CA THR A 24 -21.76 10.37 12.68
C THR A 24 -22.91 10.58 11.70
N LEU A 25 -24.01 9.85 11.86
CA LEU A 25 -25.12 9.92 10.91
C LEU A 25 -26.37 10.46 11.58
N PRO A 26 -27.19 11.24 10.87
CA PRO A 26 -28.43 11.76 11.45
C PRO A 26 -29.53 10.72 11.41
N PRO A 27 -30.65 10.96 12.11
CA PRO A 27 -31.74 9.98 12.12
C PRO A 27 -32.36 9.79 10.74
N LYS A 28 -32.79 8.55 10.46
CA LYS A 28 -33.37 8.14 9.18
C LYS A 28 -32.37 8.23 8.03
N SER A 29 -31.31 7.44 8.09
CA SER A 29 -30.31 7.35 7.02
C SER A 29 -30.09 5.89 6.65
N CYS A 30 -29.59 5.66 5.44
CA CYS A 30 -29.16 4.33 5.04
C CYS A 30 -27.99 4.43 4.07
N VAL A 31 -26.99 3.57 4.25
CA VAL A 31 -25.79 3.53 3.42
C VAL A 31 -25.86 2.28 2.55
N ILE A 32 -25.51 2.43 1.27
CA ILE A 32 -25.62 1.36 0.29
C ILE A 32 -24.27 1.18 -0.41
N LEU A 33 -23.77 -0.06 -0.43
CA LEU A 33 -22.48 -0.38 -1.04
C LEU A 33 -22.60 -1.66 -1.85
N ALA A 34 -22.10 -1.64 -3.09
CA ALA A 34 -22.14 -2.80 -3.99
C ALA A 34 -20.76 -3.38 -4.18
N GLY A 35 -20.68 -4.71 -4.31
CA GLY A 35 -19.41 -5.39 -4.50
C GLY A 35 -19.05 -5.59 -5.96
N ASN A 36 -17.89 -6.21 -6.17
CA ASN A 36 -17.32 -6.43 -7.49
C ASN A 36 -17.79 -7.77 -8.09
N ASP A 37 -17.40 -7.99 -9.35
CA ASP A 37 -17.72 -9.22 -10.08
C ASP A 37 -16.44 -9.91 -10.54
N ILE A 38 -16.57 -11.18 -10.89
CA ILE A 38 -15.47 -11.93 -11.47
C ILE A 38 -15.18 -11.42 -12.87
N GLN A 39 -13.90 -11.18 -13.16
CA GLN A 39 -13.49 -10.76 -14.49
C GLN A 39 -12.99 -11.95 -15.31
N TYR A 47 -9.26 -15.02 -13.59
CA TYR A 47 -8.72 -14.00 -12.69
C TYR A 47 -9.01 -14.32 -11.23
N PRO A 48 -7.99 -14.21 -10.37
CA PRO A 48 -8.24 -14.29 -8.92
C PRO A 48 -9.00 -13.07 -8.45
N PHE A 49 -10.02 -13.30 -7.62
CA PHE A 49 -11.00 -12.29 -7.28
C PHE A 49 -10.41 -11.22 -6.37
N GLN A 50 -10.87 -9.98 -6.56
CA GLN A 50 -10.46 -8.84 -5.75
C GLN A 50 -11.71 -8.05 -5.35
N GLN A 51 -12.02 -8.02 -4.06
CA GLN A 51 -13.22 -7.38 -3.55
C GLN A 51 -13.07 -5.86 -3.53
N GLU A 52 -14.22 -5.17 -3.54
CA GLU A 52 -14.23 -3.72 -3.31
C GLU A 52 -13.84 -3.44 -1.86
N ASN A 53 -12.80 -2.63 -1.66
CA ASN A 53 -12.14 -2.56 -0.36
C ASN A 53 -12.94 -1.81 0.70
N ASP A 54 -13.86 -0.91 0.31
CA ASP A 54 -14.67 -0.25 1.33
C ASP A 54 -15.68 -1.22 1.94
N LEU A 55 -16.26 -2.11 1.12
CA LEU A 55 -17.17 -3.12 1.63
C LEU A 55 -16.43 -4.17 2.47
N PHE A 56 -15.19 -4.48 2.12
CA PHE A 56 -14.42 -5.46 2.89
C PHE A 56 -14.02 -4.91 4.26
N TYR A 57 -13.76 -3.60 4.34
CA TYR A 57 -13.35 -2.99 5.61
C TYR A 57 -14.45 -3.10 6.67
N LEU A 58 -15.71 -3.17 6.24
CA LEU A 58 -16.84 -3.13 7.16
C LEU A 58 -17.49 -4.49 7.43
N SER A 59 -17.04 -5.56 6.78
CA SER A 59 -17.74 -6.84 6.90
C SER A 59 -16.81 -8.04 6.84
N GLY A 60 -15.78 -7.98 6.01
CA GLY A 60 -14.92 -9.13 5.78
C GLY A 60 -15.45 -10.15 4.79
N TRP A 61 -16.51 -9.81 4.05
CA TRP A 61 -17.11 -10.72 3.07
C TRP A 61 -16.34 -10.66 1.75
N ASN A 62 -16.06 -11.84 1.18
CA ASN A 62 -15.19 -11.95 0.00
C ASN A 62 -15.82 -12.81 -1.09
N GLU A 63 -17.15 -12.71 -1.27
CA GLU A 63 -17.79 -13.38 -2.39
C GLU A 63 -18.31 -12.35 -3.40
N PRO A 64 -18.36 -12.69 -4.68
CA PRO A 64 -18.84 -11.74 -5.69
C PRO A 64 -20.36 -11.68 -5.73
N ASN A 65 -20.87 -10.64 -6.39
CA ASN A 65 -22.30 -10.42 -6.61
C ASN A 65 -23.08 -10.34 -5.29
N SER A 66 -22.89 -9.20 -4.61
CA SER A 66 -23.51 -8.99 -3.31
C SER A 66 -23.74 -7.50 -3.08
N VAL A 67 -24.62 -7.19 -2.13
CA VAL A 67 -24.96 -5.82 -1.76
C VAL A 67 -25.05 -5.74 -0.24
N MET A 68 -24.52 -4.67 0.34
CA MET A 68 -24.57 -4.40 1.77
C MET A 68 -25.37 -3.13 2.04
N ILE A 69 -26.15 -3.12 3.12
CA ILE A 69 -26.95 -1.97 3.53
C ILE A 69 -26.86 -1.81 5.05
N LEU A 70 -26.62 -0.59 5.52
CA LEU A 70 -26.59 -0.27 6.94
C LEU A 70 -27.60 0.84 7.22
N GLU A 71 -28.53 0.58 8.15
CA GLU A 71 -29.70 1.43 8.37
C GLU A 71 -29.76 1.92 9.82
N LYS A 72 -30.17 3.19 9.99
CA LYS A 72 -30.29 3.81 11.31
C LYS A 72 -31.67 4.45 11.45
N PRO A 73 -32.60 3.79 12.15
CA PRO A 73 -33.98 4.29 12.18
C PRO A 73 -34.22 5.47 13.11
N THR A 74 -33.62 5.48 14.30
CA THR A 74 -33.86 6.56 15.25
C THR A 74 -32.55 7.23 15.65
N ASP A 75 -32.53 7.85 16.84
CA ASP A 75 -31.34 8.51 17.37
C ASP A 75 -30.62 7.66 18.40
N SER A 76 -30.98 6.40 18.56
CA SER A 76 -30.34 5.49 19.49
C SER A 76 -29.47 4.48 18.74
N LEU A 77 -28.32 4.15 19.33
CA LEU A 77 -27.34 3.29 18.68
C LEU A 77 -27.67 1.80 18.80
N SER A 78 -28.75 1.44 19.49
CA SER A 78 -29.11 0.03 19.65
C SER A 78 -30.22 -0.41 18.70
N ASP A 79 -30.67 0.47 17.80
CA ASP A 79 -31.70 0.15 16.82
C ASP A 79 -31.14 -0.08 15.43
N THR A 80 -29.81 -0.09 15.28
CA THR A 80 -29.18 -0.23 13.96
C THR A 80 -29.44 -1.62 13.38
N ILE A 81 -29.53 -1.68 12.05
CA ILE A 81 -29.85 -2.90 11.32
C ILE A 81 -28.84 -3.10 10.19
N PHE A 82 -28.37 -4.33 10.01
CA PHE A 82 -27.31 -4.69 9.07
C PHE A 82 -27.84 -5.75 8.11
N HIS A 83 -28.02 -5.38 6.84
CA HIS A 83 -28.56 -6.26 5.82
C HIS A 83 -27.46 -6.75 4.87
N MET A 84 -27.69 -7.91 4.25
CA MET A 84 -26.79 -8.49 3.26
C MET A 84 -27.59 -9.33 2.26
N LEU A 85 -27.25 -9.20 0.98
CA LEU A 85 -27.87 -9.97 -0.09
C LEU A 85 -26.78 -10.72 -0.83
N VAL A 86 -26.91 -12.05 -0.90
CA VAL A 86 -25.84 -12.92 -1.37
C VAL A 86 -26.41 -13.96 -2.33
N PRO A 87 -25.54 -14.62 -3.10
CA PRO A 87 -26.02 -15.71 -3.95
C PRO A 87 -26.42 -16.93 -3.13
N PRO A 88 -27.46 -17.66 -3.55
CA PRO A 88 -28.00 -18.81 -2.81
C PRO A 88 -27.16 -20.08 -2.94
N PHE A 99 -17.84 -23.08 -3.63
CA PHE A 99 -18.55 -23.16 -2.35
C PHE A 99 -19.18 -21.82 -1.98
N ARG A 100 -20.38 -21.87 -1.41
CA ARG A 100 -21.12 -20.69 -1.00
C ARG A 100 -21.48 -20.78 0.47
N SER A 101 -21.60 -19.62 1.12
CA SER A 101 -21.91 -19.58 2.54
C SER A 101 -23.41 -19.69 2.79
N GLY A 102 -24.22 -19.02 1.98
CA GLY A 102 -25.66 -19.15 2.08
C GLY A 102 -26.28 -18.13 3.01
N VAL A 103 -27.61 -18.17 3.07
CA VAL A 103 -28.37 -17.19 3.84
C VAL A 103 -28.22 -17.45 5.33
N TYR A 104 -28.17 -18.72 5.73
CA TYR A 104 -28.03 -19.04 7.15
C TYR A 104 -26.60 -18.86 7.64
N GLY A 105 -25.62 -19.01 6.75
CA GLY A 105 -24.24 -18.82 7.14
C GLY A 105 -23.83 -17.37 7.27
N VAL A 106 -24.38 -16.50 6.42
CA VAL A 106 -24.02 -15.08 6.47
C VAL A 106 -24.49 -14.43 7.76
N GLN A 107 -25.48 -15.01 8.43
CA GLN A 107 -25.96 -14.50 9.72
C GLN A 107 -25.25 -15.17 10.89
N GLU A 108 -24.97 -16.47 10.79
CA GLU A 108 -24.38 -17.21 11.89
C GLU A 108 -22.87 -17.02 12.01
N ILE A 109 -22.20 -16.68 10.92
CA ILE A 109 -20.75 -16.52 10.92
C ILE A 109 -20.33 -15.07 10.71
N PHE A 110 -21.03 -14.34 9.83
CA PHE A 110 -20.70 -12.95 9.56
C PHE A 110 -21.58 -11.95 10.33
N ASN A 111 -22.62 -12.44 11.01
CA ASN A 111 -23.39 -11.65 12.00
C ASN A 111 -24.27 -10.59 11.34
N ALA A 112 -24.92 -10.94 10.23
CA ALA A 112 -25.87 -10.04 9.61
C ALA A 112 -27.23 -10.13 10.30
N ASP A 113 -27.90 -8.99 10.45
CA ASP A 113 -29.19 -8.97 11.12
C ASP A 113 -30.31 -9.48 10.23
N GLU A 114 -30.31 -9.11 8.95
CA GLU A 114 -31.26 -9.60 7.96
C GLU A 114 -30.53 -10.02 6.70
N SER A 115 -31.11 -10.96 5.97
CA SER A 115 -30.49 -11.45 4.74
C SER A 115 -31.56 -11.98 3.78
N ALA A 116 -31.17 -12.09 2.51
CA ALA A 116 -32.05 -12.58 1.45
C ALA A 116 -31.19 -12.90 0.24
N SER A 117 -31.82 -13.44 -0.80
CA SER A 117 -31.12 -13.77 -2.03
C SER A 117 -30.94 -12.54 -2.91
N ILE A 118 -29.82 -12.51 -3.64
CA ILE A 118 -29.51 -11.36 -4.48
C ILE A 118 -30.50 -11.21 -5.62
N ASN A 119 -31.20 -12.28 -6.01
CA ASN A 119 -32.19 -12.19 -7.06
C ASN A 119 -33.41 -11.36 -6.67
N ASP A 120 -33.57 -11.04 -5.39
CA ASP A 120 -34.72 -10.28 -4.91
C ASP A 120 -34.40 -8.80 -4.73
N LEU A 121 -33.38 -8.27 -5.43
CA LEU A 121 -32.97 -6.89 -5.24
C LEU A 121 -34.02 -5.91 -5.75
N SER A 122 -34.77 -6.28 -6.79
CA SER A 122 -35.75 -5.37 -7.38
C SER A 122 -36.98 -5.17 -6.51
N LYS A 123 -37.13 -5.93 -5.42
CA LYS A 123 -38.25 -5.76 -4.51
C LYS A 123 -37.85 -5.49 -3.07
N TYR A 124 -36.63 -5.87 -2.66
CA TYR A 124 -36.20 -5.70 -1.28
C TYR A 124 -35.70 -4.27 -1.03
N LEU A 125 -34.88 -3.75 -1.93
CA LEU A 125 -34.26 -2.43 -1.77
C LEU A 125 -35.26 -1.28 -1.77
N PRO A 126 -36.27 -1.26 -2.66
CA PRO A 126 -37.21 -0.13 -2.64
C PRO A 126 -37.95 0.05 -1.32
N LYS A 127 -38.19 -1.02 -0.57
CA LYS A 127 -38.87 -0.89 0.71
C LYS A 127 -38.02 -0.13 1.72
N ILE A 128 -36.70 -0.19 1.59
CA ILE A 128 -35.82 0.52 2.51
C ILE A 128 -35.74 2.01 2.17
N ILE A 129 -35.65 2.33 0.87
CA ILE A 129 -35.44 3.71 0.45
C ILE A 129 -36.66 4.57 0.79
N ASN A 130 -37.87 3.98 0.69
CA ASN A 130 -39.09 4.77 0.85
C ASN A 130 -39.26 5.32 2.26
N ARG A 131 -38.66 4.69 3.27
CA ARG A 131 -38.91 5.05 4.66
C ARG A 131 -37.77 5.86 5.29
N ASN A 132 -36.90 6.45 4.48
CA ASN A 132 -35.74 7.18 4.99
C ASN A 132 -35.67 8.57 4.36
N GLU A 133 -34.91 9.45 5.01
CA GLU A 133 -34.75 10.83 4.57
C GLU A 133 -33.43 11.09 3.84
N PHE A 134 -32.35 10.43 4.23
CA PHE A 134 -31.03 10.67 3.67
C PHE A 134 -30.47 9.37 3.09
N ILE A 135 -29.92 9.46 1.87
CA ILE A 135 -29.45 8.30 1.10
C ILE A 135 -27.99 8.53 0.74
N TYR A 136 -27.11 7.63 1.21
CA TYR A 136 -25.66 7.74 0.98
C TYR A 136 -25.26 6.76 -0.12
N PHE A 137 -24.85 7.29 -1.28
CA PHE A 137 -24.45 6.48 -2.42
C PHE A 137 -23.56 7.31 -3.33
N ASP A 138 -22.51 6.69 -3.87
CA ASP A 138 -21.53 7.37 -4.71
C ASP A 138 -21.98 7.31 -6.17
N MET A 139 -22.69 8.36 -6.61
CA MET A 139 -23.25 8.37 -7.96
C MET A 139 -22.18 8.46 -9.05
N LEU A 140 -20.96 8.88 -8.72
CA LEU A 140 -19.88 8.89 -9.70
C LEU A 140 -18.58 8.37 -9.10
N SER A 146 -16.67 -1.54 -14.00
CA SER A 146 -17.96 -1.13 -13.45
C SER A 146 -18.83 -2.34 -13.13
N SER A 147 -19.24 -2.45 -11.87
CA SER A 147 -19.96 -3.62 -11.38
C SER A 147 -21.35 -3.70 -11.98
N SER A 148 -21.92 -4.91 -11.92
CA SER A 148 -23.25 -5.14 -12.46
C SER A 148 -24.34 -4.62 -11.53
N ASN A 149 -24.20 -4.86 -10.22
CA ASN A 149 -25.17 -4.32 -9.27
C ASN A 149 -25.07 -2.82 -9.12
N PHE A 150 -23.90 -2.23 -9.41
CA PHE A 150 -23.77 -0.78 -9.35
C PHE A 150 -24.62 -0.09 -10.41
N LYS A 151 -24.50 -0.53 -11.66
CA LYS A 151 -25.29 0.06 -12.74
C LYS A 151 -26.78 -0.09 -12.49
N HIS A 152 -27.18 -1.16 -11.80
CA HIS A 152 -28.60 -1.38 -11.52
C HIS A 152 -29.13 -0.34 -10.53
N ILE A 153 -28.40 -0.11 -9.44
CA ILE A 153 -28.90 0.77 -8.38
C ILE A 153 -28.86 2.22 -8.82
N LYS A 154 -27.83 2.61 -9.58
CA LYS A 154 -27.73 3.98 -10.06
C LYS A 154 -28.88 4.33 -11.00
N SER A 155 -29.37 3.36 -11.77
CA SER A 155 -30.48 3.62 -12.68
C SER A 155 -31.77 3.91 -11.94
N LEU A 156 -31.88 3.52 -10.67
CA LEU A 156 -33.08 3.80 -9.90
C LEU A 156 -33.14 5.25 -9.43
N LEU A 157 -31.99 5.90 -9.27
CA LEU A 157 -31.92 7.26 -8.72
C LEU A 157 -31.65 8.31 -9.79
N ASP A 158 -32.08 8.06 -11.03
CA ASP A 158 -31.94 9.07 -12.08
C ASP A 158 -33.05 8.94 -13.13
N ASN A 172 -38.57 14.70 -2.30
CA ASN A 172 -38.16 15.38 -1.07
C ASN A 172 -37.14 14.57 -0.28
N LYS A 173 -36.03 14.22 -0.92
CA LYS A 173 -34.96 13.46 -0.29
C LYS A 173 -33.61 13.97 -0.80
N THR A 174 -32.56 13.66 -0.06
CA THR A 174 -31.22 14.17 -0.32
C THR A 174 -30.24 13.02 -0.50
N ILE A 175 -29.43 13.08 -1.57
CA ILE A 175 -28.45 12.06 -1.90
C ILE A 175 -27.07 12.61 -1.59
N LYS A 176 -26.25 11.80 -0.90
CA LYS A 176 -24.97 12.26 -0.37
C LYS A 176 -23.87 11.24 -0.63
N PRO A 177 -22.63 11.71 -0.86
CA PRO A 177 -21.50 10.80 -1.02
C PRO A 177 -21.04 10.23 0.32
N ILE A 178 -20.16 9.22 0.25
CA ILE A 178 -19.83 8.43 1.43
C ILE A 178 -18.37 7.94 1.41
N SER A 179 -17.75 7.89 0.22
CA SER A 179 -16.43 7.26 0.11
C SER A 179 -15.35 8.06 0.82
N LYS A 180 -15.38 9.39 0.69
CA LYS A 180 -14.37 10.23 1.36
C LYS A 180 -14.50 10.15 2.88
N ARG A 181 -15.73 10.05 3.39
CA ARG A 181 -15.95 9.99 4.82
C ARG A 181 -15.43 8.68 5.42
N ILE A 182 -15.47 7.58 4.66
CA ILE A 182 -14.94 6.31 5.15
C ILE A 182 -13.41 6.33 5.18
N ALA A 183 -12.78 7.07 4.27
CA ALA A 183 -11.32 7.09 4.21
C ALA A 183 -10.70 7.73 5.45
N GLU A 184 -11.39 8.68 6.09
CA GLU A 184 -10.85 9.29 7.30
C GLU A 184 -10.75 8.29 8.46
N PHE A 185 -11.53 7.21 8.43
CA PHE A 185 -11.37 6.15 9.42
C PHE A 185 -10.23 5.21 9.04
N ARG A 186 -10.14 4.85 7.74
CA ARG A 186 -9.16 3.86 7.29
C ARG A 186 -7.72 4.31 7.48
N LYS A 187 -7.47 5.63 7.61
CA LYS A 187 -6.10 6.11 7.67
C LYS A 187 -5.46 5.96 9.05
N ILE A 188 -6.23 5.60 10.08
CA ILE A 188 -5.71 5.38 11.43
C ILE A 188 -5.86 3.90 11.75
N LYS A 189 -4.73 3.18 11.85
CA LYS A 189 -4.75 1.74 12.04
C LYS A 189 -4.88 1.38 13.52
N SER A 190 -5.62 0.30 13.79
CA SER A 190 -5.79 -0.20 15.15
C SER A 190 -4.55 -0.99 15.59
N PRO A 191 -4.43 -1.30 16.89
CA PRO A 191 -3.30 -2.15 17.33
C PRO A 191 -3.25 -3.52 16.67
N GLN A 192 -4.41 -4.10 16.33
CA GLN A 192 -4.39 -5.39 15.64
C GLN A 192 -3.97 -5.24 14.19
N GLU A 193 -4.43 -4.17 13.53
CA GLU A 193 -4.04 -3.92 12.14
C GLU A 193 -2.52 -3.75 12.01
N LEU A 194 -1.91 -3.04 12.97
CA LEU A 194 -0.46 -2.86 12.96
C LEU A 194 0.28 -4.19 13.10
N ARG A 195 -0.29 -5.14 13.85
CA ARG A 195 0.41 -6.40 14.10
C ARG A 195 0.43 -7.29 12.86
N ILE A 196 -0.62 -7.24 12.03
CA ILE A 196 -0.61 -8.10 10.84
C ILE A 196 0.26 -7.49 9.75
N MET A 197 0.33 -6.15 9.67
CA MET A 197 1.24 -5.52 8.70
C MET A 197 2.70 -5.81 9.05
N ARG A 198 3.02 -5.93 10.35
CA ARG A 198 4.39 -6.24 10.75
C ARG A 198 4.79 -7.65 10.31
N ARG A 199 3.85 -8.60 10.35
CA ARG A 199 4.19 -9.98 9.98
C ARG A 199 4.45 -10.11 8.48
N ALA A 200 3.72 -9.36 7.65
CA ALA A 200 3.96 -9.40 6.21
C ALA A 200 5.28 -8.73 5.85
N GLY A 201 5.67 -7.68 6.58
CA GLY A 201 6.95 -7.04 6.34
C GLY A 201 8.13 -7.87 6.80
N GLN A 202 7.93 -8.70 7.83
CA GLN A 202 9.00 -9.56 8.31
C GLN A 202 9.27 -10.71 7.34
N ILE A 203 8.21 -11.26 6.73
CA ILE A 203 8.36 -12.39 5.81
C ILE A 203 9.06 -11.95 4.53
N SER A 204 8.67 -10.79 3.98
CA SER A 204 9.30 -10.31 2.76
C SER A 204 10.76 -9.95 2.98
N GLY A 205 11.10 -9.44 4.18
CA GLY A 205 12.47 -9.00 4.43
C GLY A 205 13.47 -10.12 4.55
N ARG A 206 13.05 -11.26 5.12
CA ARG A 206 13.96 -12.40 5.22
C ARG A 206 14.21 -13.04 3.86
N SER A 207 13.27 -12.90 2.92
CA SER A 207 13.47 -13.44 1.58
C SER A 207 14.56 -12.68 0.84
N PHE A 208 14.63 -11.35 1.03
CA PHE A 208 15.71 -10.56 0.46
C PHE A 208 17.07 -11.04 0.95
N ASN A 209 17.19 -11.33 2.26
CA ASN A 209 18.46 -11.76 2.82
C ASN A 209 18.94 -13.05 2.19
N GLN A 210 18.02 -13.96 1.88
CA GLN A 210 18.40 -15.24 1.28
C GLN A 210 18.84 -15.07 -0.17
N ALA A 211 18.28 -14.09 -0.89
CA ALA A 211 18.70 -13.85 -2.26
C ALA A 211 20.08 -13.20 -2.32
N PHE A 212 20.44 -12.40 -1.30
CA PHE A 212 21.73 -11.70 -1.30
C PHE A 212 22.89 -12.68 -1.43
N ALA A 213 22.75 -13.90 -0.90
CA ALA A 213 23.85 -14.85 -0.81
C ALA A 213 23.99 -15.75 -2.04
N LYS A 214 23.29 -15.44 -3.14
CA LYS A 214 23.34 -16.24 -4.35
C LYS A 214 23.81 -15.38 -5.53
N ARG A 215 24.06 -16.07 -6.65
CA ARG A 215 24.41 -15.42 -7.91
C ARG A 215 23.38 -15.78 -8.98
N PHE A 216 22.96 -14.79 -9.77
CA PHE A 216 22.00 -14.96 -10.83
C PHE A 216 22.56 -14.38 -12.12
N ARG A 217 22.13 -14.94 -13.26
CA ARG A 217 22.62 -14.48 -14.55
C ARG A 217 21.51 -13.97 -15.47
N ASN A 218 20.25 -14.01 -15.05
CA ASN A 218 19.15 -13.49 -15.85
C ASN A 218 18.09 -12.93 -14.90
N GLU A 219 17.43 -11.85 -15.34
CA GLU A 219 16.43 -11.19 -14.50
C GLU A 219 15.27 -12.13 -14.17
N ARG A 220 14.96 -13.08 -15.05
CA ARG A 220 13.78 -13.92 -14.85
C ARG A 220 13.99 -14.96 -13.75
N THR A 221 15.22 -15.42 -13.55
CA THR A 221 15.49 -16.39 -12.48
C THR A 221 15.38 -15.74 -11.10
N LEU A 222 15.88 -14.52 -10.97
CA LEU A 222 15.74 -13.80 -9.70
C LEU A 222 14.28 -13.49 -9.40
N ASP A 223 13.49 -13.21 -10.43
CA ASP A 223 12.07 -12.92 -10.25
C ASP A 223 11.34 -14.13 -9.64
N SER A 224 11.49 -15.31 -10.25
CA SER A 224 10.74 -16.47 -9.80
C SER A 224 11.22 -16.99 -8.45
N PHE A 225 12.44 -16.66 -8.04
CA PHE A 225 12.94 -17.08 -6.73
C PHE A 225 12.22 -16.34 -5.61
N LEU A 226 12.12 -15.00 -5.70
CA LEU A 226 11.52 -14.22 -4.63
C LEU A 226 10.03 -14.52 -4.48
N HIS A 227 9.34 -14.76 -5.60
CA HIS A 227 7.92 -15.06 -5.55
C HIS A 227 7.65 -16.34 -4.77
N TYR A 228 8.47 -17.38 -4.97
CA TYR A 228 8.26 -18.64 -4.27
C TYR A 228 8.56 -18.51 -2.78
N LYS A 229 9.55 -17.70 -2.40
CA LYS A 229 9.87 -17.53 -0.98
C LYS A 229 8.78 -16.78 -0.23
N PHE A 230 8.10 -15.84 -0.89
CA PHE A 230 6.98 -15.14 -0.25
C PHE A 230 5.86 -16.10 0.14
N ILE A 231 5.51 -17.01 -0.78
CA ILE A 231 4.35 -17.89 -0.58
C ILE A 231 4.67 -18.96 0.44
N SER A 232 5.79 -19.67 0.27
CA SER A 232 6.16 -20.70 1.23
C SER A 232 6.52 -20.12 2.59
N GLY A 233 6.77 -18.81 2.66
CA GLY A 233 6.96 -18.15 3.94
C GLY A 233 5.69 -17.85 4.70
N GLY A 234 4.55 -17.72 4.00
CA GLY A 234 3.28 -17.52 4.68
C GLY A 234 2.35 -16.50 4.07
N CYS A 235 2.79 -15.80 3.04
CA CYS A 235 1.95 -14.80 2.40
C CYS A 235 0.94 -15.45 1.45
N ASP A 236 0.00 -14.65 0.97
CA ASP A 236 -1.09 -15.11 0.10
C ASP A 236 -0.76 -14.97 -1.38
N LYS A 237 -0.17 -13.85 -1.78
CA LYS A 237 0.03 -13.50 -3.19
C LYS A 237 1.01 -12.32 -3.23
N ASP A 238 1.31 -11.87 -4.45
CA ASP A 238 2.09 -10.65 -4.62
C ASP A 238 1.23 -9.43 -4.27
N ALA A 239 1.91 -8.38 -3.80
CA ALA A 239 1.23 -7.13 -3.50
C ALA A 239 1.08 -6.22 -4.73
N TYR A 240 2.01 -6.31 -5.67
CA TYR A 240 1.99 -5.51 -6.89
C TYR A 240 2.91 -6.17 -7.90
N ILE A 241 2.83 -5.70 -9.15
CA ILE A 241 3.69 -6.22 -10.21
C ILE A 241 5.11 -5.70 -10.02
N PRO A 242 6.13 -6.55 -10.01
CA PRO A 242 7.45 -6.17 -9.52
C PRO A 242 8.41 -5.65 -10.59
N VAL A 243 9.53 -5.10 -10.12
CA VAL A 243 10.58 -4.50 -10.95
C VAL A 243 11.89 -5.24 -10.70
N VAL A 244 12.51 -5.73 -11.79
CA VAL A 244 13.84 -6.36 -11.73
C VAL A 244 14.67 -5.83 -12.90
N ALA A 245 15.47 -4.78 -12.67
CA ALA A 245 16.12 -4.05 -13.75
C ALA A 245 17.63 -3.95 -13.49
N THR A 246 18.41 -4.59 -14.35
CA THR A 246 19.87 -4.61 -14.27
C THR A 246 20.48 -3.59 -15.22
N GLY A 247 21.65 -3.08 -14.84
CA GLY A 247 22.39 -2.18 -15.71
C GLY A 247 21.63 -0.91 -16.03
N SER A 248 21.59 -0.57 -17.32
CA SER A 248 20.94 0.65 -17.78
C SER A 248 19.43 0.58 -17.72
N ASN A 249 18.84 -0.61 -17.57
CA ASN A 249 17.39 -0.73 -17.43
C ASN A 249 16.86 0.02 -16.21
N SER A 250 17.72 0.31 -15.23
CA SER A 250 17.26 0.91 -13.98
C SER A 250 16.87 2.38 -14.12
N LEU A 251 17.07 2.98 -15.30
CA LEU A 251 16.67 4.37 -15.49
C LEU A 251 15.18 4.52 -15.81
N CYS A 252 14.51 3.43 -16.20
CA CYS A 252 13.08 3.46 -16.49
CA CYS A 252 13.08 3.46 -16.49
C CYS A 252 12.31 3.13 -15.22
N ILE A 253 11.55 4.10 -14.72
CA ILE A 253 10.83 3.93 -13.46
C ILE A 253 9.75 2.85 -13.54
N HIS A 254 9.26 2.53 -14.74
CA HIS A 254 8.17 1.58 -14.90
C HIS A 254 8.59 0.33 -15.68
N TYR A 255 9.83 -0.11 -15.51
CA TYR A 255 10.34 -1.28 -16.23
C TYR A 255 9.79 -2.57 -15.62
N THR A 256 9.22 -3.43 -16.47
CA THR A 256 8.45 -4.59 -16.02
C THR A 256 8.77 -5.89 -16.77
N ARG A 257 9.43 -5.83 -17.93
CA ARG A 257 9.64 -7.03 -18.74
C ARG A 257 10.41 -8.12 -17.97
N ASN A 258 11.52 -7.76 -17.35
CA ASN A 258 12.29 -8.65 -16.47
C ASN A 258 12.75 -9.92 -17.21
N ASP A 259 13.55 -9.72 -18.28
CA ASP A 259 14.01 -10.87 -19.06
C ASP A 259 15.37 -10.65 -19.71
N ASP A 260 16.27 -9.91 -19.06
CA ASP A 260 17.56 -9.55 -19.64
C ASP A 260 18.70 -10.28 -18.95
N VAL A 261 19.84 -10.32 -19.65
CA VAL A 261 21.07 -10.93 -19.13
C VAL A 261 21.76 -9.96 -18.17
N MET A 262 22.39 -10.51 -17.13
CA MET A 262 22.98 -9.72 -16.05
C MET A 262 24.50 -9.77 -16.14
N PHE A 263 25.12 -8.61 -16.42
CA PHE A 263 26.56 -8.51 -16.61
C PHE A 263 27.28 -8.36 -15.27
N ASP A 264 28.57 -8.69 -15.29
CA ASP A 264 29.41 -8.71 -14.08
C ASP A 264 29.83 -7.33 -13.61
N ASP A 265 29.54 -6.28 -14.37
CA ASP A 265 30.01 -4.94 -14.01
C ASP A 265 28.90 -4.02 -13.50
N GLU A 266 27.66 -4.51 -13.40
CA GLU A 266 26.50 -3.69 -13.12
C GLU A 266 25.96 -3.95 -11.72
N MET A 267 25.04 -3.08 -11.31
CA MET A 267 24.19 -3.28 -10.14
C MET A 267 22.74 -3.46 -10.58
N VAL A 268 21.91 -4.01 -9.70
CA VAL A 268 20.52 -4.32 -10.03
C VAL A 268 19.60 -3.67 -8.99
N LEU A 269 18.42 -3.22 -9.46
CA LEU A 269 17.42 -2.55 -8.63
C LEU A 269 16.14 -3.39 -8.62
N VAL A 270 15.64 -3.73 -7.43
CA VAL A 270 14.51 -4.63 -7.27
C VAL A 270 13.46 -3.98 -6.35
N ASP A 271 12.19 -4.05 -6.76
CA ASP A 271 11.05 -3.53 -5.98
C ASP A 271 9.95 -4.58 -5.97
N ALA A 272 9.72 -5.21 -4.82
CA ALA A 272 8.73 -6.30 -4.71
C ALA A 272 8.46 -6.60 -3.24
N ALA A 273 7.28 -7.20 -2.98
CA ALA A 273 6.83 -7.55 -1.64
C ALA A 273 5.54 -8.38 -1.73
N GLY A 274 5.14 -8.96 -0.60
CA GLY A 274 3.96 -9.79 -0.51
C GLY A 274 2.82 -9.18 0.29
N SER A 275 1.71 -9.93 0.33
CA SER A 275 0.46 -9.49 0.94
C SER A 275 -0.19 -10.65 1.70
N LEU A 276 -0.82 -10.34 2.85
CA LEU A 276 -1.40 -11.36 3.72
C LEU A 276 -2.69 -10.84 4.33
N GLY A 277 -3.77 -11.60 4.15
CA GLY A 277 -5.07 -11.22 4.68
C GLY A 277 -5.69 -9.97 4.10
N GLY A 278 -5.13 -9.44 3.01
CA GLY A 278 -5.60 -8.20 2.42
C GLY A 278 -4.68 -7.02 2.58
N TYR A 279 -3.69 -7.10 3.49
CA TYR A 279 -2.81 -5.99 3.83
C TYR A 279 -1.47 -6.12 3.12
N CYS A 280 -0.93 -4.99 2.66
CA CYS A 280 0.21 -4.96 1.75
C CYS A 280 1.49 -4.49 2.44
N ALA A 281 2.63 -4.92 1.88
CA ALA A 281 3.97 -4.42 2.20
C ALA A 281 4.61 -3.84 0.93
N ASP A 282 5.82 -3.29 1.06
CA ASP A 282 6.46 -2.56 -0.04
C ASP A 282 7.95 -2.26 0.24
N ILE A 283 8.87 -2.80 -0.57
CA ILE A 283 10.30 -2.81 -0.27
C ILE A 283 11.12 -2.55 -1.55
N SER A 284 12.25 -1.83 -1.39
CA SER A 284 13.23 -1.59 -2.46
C SER A 284 14.65 -1.75 -1.94
N ARG A 285 15.52 -2.41 -2.74
CA ARG A 285 16.93 -2.60 -2.41
C ARG A 285 17.77 -2.62 -3.70
N THR A 286 19.06 -2.32 -3.56
CA THR A 286 20.01 -2.27 -4.68
C THR A 286 21.38 -2.79 -4.24
N TRP A 287 22.01 -3.67 -5.04
CA TRP A 287 23.29 -4.26 -4.65
C TRP A 287 24.06 -4.67 -5.91
N PRO A 288 25.38 -4.82 -5.81
CA PRO A 288 26.19 -5.13 -6.99
C PRO A 288 26.20 -6.62 -7.35
N ASN A 289 26.30 -6.88 -8.66
CA ASN A 289 26.23 -8.26 -9.15
C ASN A 289 27.51 -9.04 -8.82
N SER A 290 28.65 -8.36 -8.73
CA SER A 290 29.91 -9.06 -8.49
C SER A 290 30.12 -9.44 -7.02
N GLY A 291 29.41 -8.79 -6.10
CA GLY A 291 29.57 -9.07 -4.69
C GLY A 291 30.51 -8.17 -3.94
N LYS A 292 31.03 -7.11 -4.57
CA LYS A 292 31.90 -6.15 -3.88
C LYS A 292 31.67 -4.77 -4.48
N PHE A 293 31.53 -3.77 -3.61
CA PHE A 293 31.37 -2.39 -4.04
C PHE A 293 32.69 -1.84 -4.59
N THR A 294 32.62 -1.19 -5.74
CA THR A 294 33.77 -0.42 -6.20
C THR A 294 33.76 0.96 -5.56
N ASP A 295 34.84 1.72 -5.81
CA ASP A 295 34.95 3.05 -5.20
C ASP A 295 33.86 4.00 -5.71
N ALA A 296 33.61 4.00 -7.02
CA ALA A 296 32.57 4.87 -7.57
C ALA A 296 31.18 4.42 -7.12
N GLN A 297 30.95 3.10 -7.06
CA GLN A 297 29.67 2.60 -6.58
C GLN A 297 29.45 2.96 -5.13
N ARG A 298 30.52 2.99 -4.32
CA ARG A 298 30.40 3.34 -2.91
C ARG A 298 29.93 4.79 -2.73
N ASP A 299 30.47 5.71 -3.54
CA ASP A 299 30.20 7.13 -3.31
C ASP A 299 28.75 7.49 -3.65
N LEU A 300 28.15 6.84 -4.65
CA LEU A 300 26.77 7.16 -5.02
C LEU A 300 25.76 6.52 -4.05
N TYR A 301 26.03 5.28 -3.64
CA TYR A 301 25.12 4.59 -2.71
C TYR A 301 25.03 5.32 -1.38
N GLU A 302 26.15 5.87 -0.91
CA GLU A 302 26.17 6.54 0.39
C GLU A 302 25.38 7.84 0.37
N ALA A 303 25.26 8.48 -0.80
CA ALA A 303 24.48 9.71 -0.90
C ALA A 303 22.99 9.44 -0.72
N VAL A 304 22.50 8.33 -1.26
CA VAL A 304 21.08 8.00 -1.14
C VAL A 304 20.76 7.54 0.29
N LEU A 305 21.65 6.74 0.88
CA LEU A 305 21.40 6.23 2.24
C LEU A 305 21.44 7.35 3.27
N ASN A 306 22.25 8.40 3.03
CA ASN A 306 22.29 9.52 3.97
C ASN A 306 20.95 10.24 4.06
N VAL A 307 20.30 10.47 2.93
CA VAL A 307 19.02 11.17 2.93
C VAL A 307 17.95 10.35 3.62
N GLN A 308 17.91 9.03 3.37
CA GLN A 308 16.84 8.20 3.91
C GLN A 308 16.89 8.14 5.43
N ARG A 309 18.09 7.96 6.00
CA ARG A 309 18.22 7.88 7.44
C ARG A 309 17.75 9.16 8.13
N ASP A 310 18.10 10.32 7.57
CA ASP A 310 17.72 11.59 8.19
C ASP A 310 16.20 11.78 8.16
N CYS A 311 15.54 11.38 7.07
CA CYS A 311 14.10 11.60 6.98
C CYS A 311 13.31 10.65 7.90
N ILE A 312 13.82 9.43 8.12
CA ILE A 312 13.13 8.49 9.00
C ILE A 312 13.13 8.98 10.44
N LYS A 313 14.20 9.65 10.86
CA LYS A 313 14.28 10.18 12.21
C LYS A 313 13.23 11.25 12.50
N LEU A 314 12.62 11.83 11.45
CA LEU A 314 11.64 12.90 11.66
C LEU A 314 10.26 12.38 12.04
N CYS A 315 9.99 11.09 11.85
CA CYS A 315 8.63 10.54 11.92
C CYS A 315 8.16 10.35 13.38
N LYS A 316 8.08 11.48 14.09
CA LYS A 316 7.56 11.53 15.46
C LYS A 316 6.40 12.52 15.50
N ALA A 317 5.28 12.10 16.09
CA ALA A 317 4.06 12.91 16.07
C ALA A 317 4.20 14.18 16.91
N SER A 318 5.12 14.24 17.86
CA SER A 318 5.31 15.46 18.63
C SER A 318 5.97 16.58 17.81
N ASN A 319 6.60 16.25 16.68
CA ASN A 319 7.27 17.27 15.87
C ASN A 319 6.28 18.12 15.09
N ASN A 320 5.09 17.59 14.80
CA ASN A 320 4.00 18.26 14.08
C ASN A 320 4.26 18.41 12.58
N TYR A 321 5.14 17.59 12.01
CA TYR A 321 5.40 17.64 10.57
C TYR A 321 4.22 17.07 9.77
N SER A 322 4.07 17.54 8.53
CA SER A 322 3.16 16.97 7.55
C SER A 322 3.96 16.22 6.48
N LEU A 323 3.25 15.45 5.66
CA LEU A 323 3.92 14.66 4.63
C LEU A 323 4.60 15.57 3.61
N HIS A 324 3.97 16.69 3.27
CA HIS A 324 4.58 17.63 2.33
C HIS A 324 5.78 18.36 2.95
N ASP A 325 5.74 18.65 4.25
CA ASP A 325 6.90 19.24 4.91
C ASP A 325 8.13 18.34 4.76
N ILE A 326 7.92 17.02 4.85
CA ILE A 326 9.04 16.07 4.77
C ILE A 326 9.60 16.02 3.35
N HIS A 327 8.74 16.10 2.34
CA HIS A 327 9.22 16.11 0.97
C HIS A 327 10.09 17.33 0.68
N GLU A 328 9.69 18.49 1.20
CA GLU A 328 10.47 19.72 0.98
C GLU A 328 11.86 19.61 1.60
N LYS A 329 11.96 19.02 2.79
CA LYS A 329 13.26 18.87 3.44
C LYS A 329 14.13 17.82 2.76
N SER A 330 13.52 16.85 2.06
CA SER A 330 14.33 15.86 1.35
C SER A 330 15.00 16.46 0.12
N ILE A 331 14.39 17.48 -0.49
CA ILE A 331 15.03 18.16 -1.61
C ILE A 331 16.25 18.96 -1.14
N THR A 332 16.14 19.65 -0.01
CA THR A 332 17.26 20.43 0.51
C THR A 332 18.44 19.53 0.85
N LEU A 333 18.18 18.34 1.41
CA LEU A 333 19.25 17.44 1.81
C LEU A 333 19.96 16.82 0.61
N MET A 334 19.25 16.58 -0.48
CA MET A 334 19.86 15.90 -1.62
C MET A 334 20.83 16.83 -2.35
N LYS A 335 20.52 18.13 -2.43
CA LYS A 335 21.38 19.04 -3.17
C LYS A 335 22.68 19.33 -2.46
N GLN A 336 22.73 19.14 -1.13
CA GLN A 336 24.01 19.22 -0.44
C GLN A 336 24.88 18.00 -0.74
N GLU A 337 24.28 16.82 -0.82
CA GLU A 337 25.02 15.61 -1.20
C GLU A 337 25.58 15.74 -2.62
N LEU A 338 24.81 16.33 -3.53
CA LEU A 338 25.29 16.51 -4.90
C LEU A 338 26.43 17.51 -4.97
N LYS A 339 26.48 18.47 -4.04
CA LYS A 339 27.56 19.44 -4.03
C LYS A 339 28.87 18.81 -3.52
N ASN A 340 28.78 17.91 -2.53
CA ASN A 340 29.97 17.21 -2.06
C ASN A 340 30.56 16.32 -3.15
N LEU A 341 29.71 15.79 -4.03
CA LEU A 341 30.18 14.99 -5.15
C LEU A 341 30.72 15.84 -6.30
N GLY A 342 30.49 17.15 -6.27
CA GLY A 342 30.96 18.02 -7.34
C GLY A 342 30.20 17.89 -8.64
N ILE A 343 28.94 17.47 -8.59
CA ILE A 343 28.15 17.25 -9.80
C ILE A 343 26.84 18.03 -9.73
N ASP A 344 26.88 19.22 -9.12
CA ASP A 344 25.67 20.00 -8.89
C ASP A 344 25.55 21.23 -9.78
N LYS A 345 26.53 21.49 -10.65
CA LYS A 345 26.54 22.69 -11.47
C LYS A 345 26.47 22.37 -12.96
N VAL A 346 25.85 21.25 -13.32
CA VAL A 346 25.74 20.87 -14.72
C VAL A 346 24.59 21.65 -15.36
N SER A 347 24.86 22.21 -16.55
CA SER A 347 23.88 23.04 -17.22
C SER A 347 22.74 22.20 -17.77
N GLY A 348 21.52 22.48 -17.31
CA GLY A 348 20.35 21.78 -17.77
C GLY A 348 19.95 20.56 -16.98
N TRP A 349 20.61 20.29 -15.86
CA TRP A 349 20.32 19.11 -15.03
C TRP A 349 20.27 19.55 -13.56
N ASN A 350 19.19 20.25 -13.20
CA ASN A 350 18.99 20.63 -11.81
C ASN A 350 18.58 19.41 -10.99
N VAL A 351 18.34 19.63 -9.69
CA VAL A 351 18.08 18.52 -8.79
C VAL A 351 16.75 17.84 -9.11
N GLU A 352 15.78 18.60 -9.65
CA GLU A 352 14.48 18.02 -9.96
C GLU A 352 14.52 17.06 -11.14
N LYS A 353 15.60 17.06 -11.93
CA LYS A 353 15.72 16.14 -13.05
C LYS A 353 16.54 14.89 -12.71
N LEU A 354 17.42 14.95 -11.71
CA LEU A 354 18.13 13.78 -11.24
C LEU A 354 17.39 13.03 -10.14
N TYR A 355 16.45 13.70 -9.46
CA TYR A 355 15.60 13.10 -8.43
C TYR A 355 14.17 13.57 -8.73
N PRO A 356 13.47 12.87 -9.64
CA PRO A 356 12.25 13.45 -10.21
C PRO A 356 10.95 12.83 -9.70
N HIS A 357 10.89 12.34 -8.47
CA HIS A 357 9.66 11.77 -7.95
C HIS A 357 9.49 12.12 -6.47
N TYR A 358 8.31 11.81 -5.94
CA TYR A 358 7.90 12.16 -4.58
C TYR A 358 8.60 11.27 -3.55
N ILE A 359 8.37 11.58 -2.28
CA ILE A 359 9.11 10.92 -1.20
C ILE A 359 8.40 9.68 -0.65
N GLY A 360 7.07 9.59 -0.76
CA GLY A 360 6.36 8.45 -0.20
C GLY A 360 4.86 8.56 -0.30
N HIS A 361 4.15 7.72 0.45
CA HIS A 361 2.69 7.62 0.39
C HIS A 361 2.17 6.82 1.59
N ASN A 362 0.85 6.92 1.82
CA ASN A 362 0.15 6.10 2.81
C ASN A 362 0.04 4.65 2.34
N LEU A 363 -0.07 3.72 3.31
CA LEU A 363 -0.05 2.29 3.03
C LEU A 363 -1.07 1.55 3.89
N GLY A 364 -1.82 0.64 3.26
CA GLY A 364 -2.82 -0.16 3.96
C GLY A 364 -3.41 -1.32 3.16
N LEU A 365 -4.74 -1.29 2.97
CA LEU A 365 -5.39 -2.32 2.16
C LEU A 365 -5.08 -2.17 0.67
N ASP A 366 -4.90 -0.93 0.21
CA ASP A 366 -4.37 -0.63 -1.11
C ASP A 366 -2.92 -0.18 -0.98
N VAL A 367 -2.17 -0.31 -2.09
CA VAL A 367 -0.76 0.09 -2.08
C VAL A 367 -0.65 1.60 -1.93
N HIS A 368 -1.38 2.35 -2.75
CA HIS A 368 -1.52 3.80 -2.58
C HIS A 368 -2.82 4.03 -1.81
N ASP A 369 -2.72 3.90 -0.48
CA ASP A 369 -3.90 3.95 0.38
C ASP A 369 -4.45 5.37 0.50
N VAL A 370 -5.77 5.44 0.68
CA VAL A 370 -6.57 6.66 0.91
C VAL A 370 -6.01 7.89 0.21
N PRO A 371 -6.01 7.95 -1.12
CA PRO A 371 -5.38 9.09 -1.81
C PRO A 371 -6.18 10.38 -1.76
N LYS A 372 -7.32 10.45 -1.08
CA LYS A 372 -8.12 11.66 -1.07
C LYS A 372 -8.02 12.44 0.24
N VAL A 373 -7.19 12.01 1.18
CA VAL A 373 -6.97 12.78 2.41
C VAL A 373 -5.90 13.83 2.14
N SER A 374 -5.76 14.80 3.06
CA SER A 374 -4.93 15.98 2.81
C SER A 374 -3.46 15.69 3.07
N ARG A 375 -2.61 16.05 2.11
CA ARG A 375 -1.17 15.98 2.25
C ARG A 375 -0.59 17.08 3.12
N TYR A 376 -1.39 18.09 3.50
CA TYR A 376 -0.88 19.29 4.15
C TYR A 376 -1.23 19.37 5.64
N GLU A 377 -1.91 18.37 6.20
CA GLU A 377 -2.19 18.40 7.63
C GLU A 377 -1.17 17.58 8.40
N PRO A 378 -0.90 17.91 9.66
CA PRO A 378 0.12 17.17 10.43
C PRO A 378 -0.21 15.70 10.58
N LEU A 379 0.83 14.88 10.66
CA LEU A 379 0.67 13.44 10.77
C LEU A 379 0.23 13.05 12.17
N LYS A 380 -0.64 12.03 12.25
CA LYS A 380 -1.26 11.60 13.49
C LYS A 380 -0.74 10.23 13.93
N VAL A 381 -0.98 9.91 15.19
CA VAL A 381 -0.55 8.62 15.75
C VAL A 381 -1.41 7.51 15.15
N GLY A 382 -0.75 6.58 14.46
CA GLY A 382 -1.43 5.42 13.88
C GLY A 382 -1.35 5.30 12.37
N GLN A 383 -0.81 6.29 11.66
CA GLN A 383 -0.67 6.20 10.20
C GLN A 383 0.59 5.40 9.84
N VAL A 384 0.61 4.90 8.60
CA VAL A 384 1.74 4.15 8.05
C VAL A 384 2.14 4.78 6.72
N ILE A 385 3.42 5.17 6.59
CA ILE A 385 3.92 5.84 5.39
C ILE A 385 5.26 5.23 4.98
N THR A 386 5.60 5.39 3.69
CA THR A 386 6.85 4.95 3.12
C THR A 386 7.83 6.11 2.95
N ILE A 387 9.12 5.77 2.81
CA ILE A 387 10.23 6.72 2.64
C ILE A 387 11.17 6.12 1.60
N GLU A 388 11.25 6.72 0.39
CA GLU A 388 11.93 6.09 -0.75
C GLU A 388 12.52 7.12 -1.71
N PRO A 389 13.62 7.79 -1.32
CA PRO A 389 14.32 8.67 -2.25
C PRO A 389 15.23 7.88 -3.20
N GLY A 390 15.69 8.57 -4.27
CA GLY A 390 16.54 7.94 -5.27
C GLY A 390 17.30 8.92 -6.15
N LEU A 391 18.22 8.35 -6.95
CA LEU A 391 19.10 9.10 -7.86
C LEU A 391 19.30 8.32 -9.16
N TYR A 392 19.38 9.03 -10.29
CA TYR A 392 19.41 8.41 -11.61
C TYR A 392 20.21 9.29 -12.56
N ILE A 393 21.34 8.81 -13.04
CA ILE A 393 22.32 9.60 -13.80
C ILE A 393 22.22 9.25 -15.29
N PRO A 394 22.18 10.24 -16.20
CA PRO A 394 22.01 9.92 -17.63
C PRO A 394 23.31 9.67 -18.37
N ASN A 395 23.20 9.31 -19.65
CA ASN A 395 24.35 8.95 -20.48
C ASN A 395 24.79 10.15 -21.32
N GLU A 396 25.39 11.12 -20.63
CA GLU A 396 25.85 12.36 -21.25
C GLU A 396 27.30 12.61 -20.89
N GLU A 397 28.03 13.26 -21.80
CA GLU A 397 29.46 13.48 -21.62
C GLU A 397 29.76 14.47 -20.50
N SER A 398 28.77 15.24 -20.04
CA SER A 398 29.01 16.24 -19.02
C SER A 398 29.33 15.63 -17.65
N PHE A 399 29.02 14.35 -17.45
CA PHE A 399 29.25 13.67 -16.20
C PHE A 399 30.46 12.74 -16.30
N PRO A 400 31.09 12.40 -15.18
CA PRO A 400 32.20 11.44 -15.23
C PRO A 400 31.75 10.09 -15.77
N SER A 401 32.66 9.42 -16.47
CA SER A 401 32.31 8.20 -17.18
C SER A 401 31.91 7.07 -16.23
N TYR A 402 32.34 7.10 -14.98
CA TYR A 402 32.00 6.05 -14.03
C TYR A 402 30.71 6.33 -13.27
N PHE A 403 29.93 7.31 -13.69
CA PHE A 403 28.63 7.59 -13.09
C PHE A 403 27.46 7.44 -14.07
N ARG A 404 27.73 7.35 -15.37
CA ARG A 404 26.66 7.32 -16.36
C ARG A 404 25.92 5.98 -16.33
N ASN A 405 24.59 6.05 -16.47
CA ASN A 405 23.72 4.87 -16.59
C ASN A 405 23.69 4.05 -15.30
N VAL A 406 23.46 4.72 -14.17
CA VAL A 406 23.36 4.07 -12.87
C VAL A 406 22.14 4.64 -12.12
N GLY A 407 21.37 3.73 -11.50
CA GLY A 407 20.20 4.13 -10.71
C GLY A 407 20.07 3.37 -9.40
N ILE A 408 19.59 4.05 -8.35
CA ILE A 408 19.58 3.52 -6.99
C ILE A 408 18.32 4.01 -6.26
N ARG A 409 17.70 3.13 -5.48
CA ARG A 409 16.56 3.49 -4.62
C ARG A 409 16.52 2.56 -3.41
N ILE A 410 16.13 3.11 -2.25
CA ILE A 410 16.05 2.37 -0.98
C ILE A 410 14.78 2.79 -0.26
N GLU A 411 14.00 1.81 0.22
CA GLU A 411 12.64 2.09 0.73
C GLU A 411 12.29 1.17 1.90
N ASP A 412 11.58 1.73 2.90
CA ASP A 412 11.10 1.02 4.09
C ASP A 412 9.72 1.54 4.50
N ASP A 413 9.05 0.81 5.40
CA ASP A 413 7.72 1.15 5.88
C ASP A 413 7.76 1.52 7.36
N ILE A 414 7.17 2.67 7.72
CA ILE A 414 7.35 3.30 9.04
C ILE A 414 5.99 3.65 9.65
N ALA A 415 5.76 3.22 10.89
CA ALA A 415 4.54 3.54 11.63
C ALA A 415 4.79 4.65 12.65
N ILE A 416 3.84 5.59 12.73
CA ILE A 416 4.00 6.81 13.51
C ILE A 416 3.56 6.59 14.96
N GLY A 417 4.37 7.05 15.91
CA GLY A 417 4.08 6.92 17.32
C GLY A 417 4.03 8.26 18.04
N GLU A 418 3.78 8.17 19.35
CA GLU A 418 3.59 9.37 20.17
C GLU A 418 4.89 10.15 20.33
N ASP A 419 5.97 9.48 20.78
CA ASP A 419 7.28 10.11 20.88
C ASP A 419 8.38 9.21 20.32
N THR A 420 8.06 8.38 19.34
CA THR A 420 8.99 7.45 18.70
C THR A 420 8.28 6.88 17.47
N TYR A 421 8.84 5.83 16.87
CA TYR A 421 8.26 5.19 15.69
C TYR A 421 8.70 3.72 15.66
N THR A 422 8.20 3.00 14.65
CA THR A 422 8.44 1.56 14.51
C THR A 422 8.75 1.21 13.06
N ASN A 423 9.91 0.59 12.84
CA ASN A 423 10.33 0.15 11.51
C ASN A 423 9.82 -1.27 11.28
N LEU A 424 8.91 -1.43 10.31
CA LEU A 424 8.24 -2.70 10.06
C LEU A 424 9.03 -3.64 9.15
N THR A 425 10.09 -3.17 8.50
CA THR A 425 10.85 -3.98 7.55
C THR A 425 12.33 -3.98 7.90
N VAL A 426 12.64 -4.03 9.21
CA VAL A 426 13.99 -3.79 9.67
C VAL A 426 14.93 -4.98 9.43
N GLU A 427 14.41 -6.17 9.16
CA GLU A 427 15.25 -7.35 9.04
C GLU A 427 16.18 -7.30 7.83
N ALA A 428 15.76 -6.65 6.74
CA ALA A 428 16.55 -6.63 5.52
C ALA A 428 17.70 -5.62 5.65
N VAL A 429 18.95 -6.13 5.56
CA VAL A 429 20.12 -5.29 5.78
C VAL A 429 20.29 -4.29 4.64
N LYS A 430 20.99 -3.19 4.93
CA LYS A 430 21.20 -2.13 3.94
C LYS A 430 22.53 -1.41 4.09
N GLU A 431 23.19 -1.55 5.25
CA GLU A 431 24.51 -0.93 5.42
C GLU A 431 25.56 -1.66 4.61
N ILE A 432 26.58 -0.91 4.17
CA ILE A 432 27.54 -1.43 3.21
C ILE A 432 28.32 -2.60 3.80
N ASP A 433 28.69 -2.52 5.07
CA ASP A 433 29.47 -3.59 5.68
C ASP A 433 28.62 -4.83 5.94
N ASP A 434 27.32 -4.66 6.22
CA ASP A 434 26.44 -5.81 6.39
C ASP A 434 26.14 -6.48 5.05
N LEU A 435 26.03 -5.70 3.97
CA LEU A 435 25.74 -6.28 2.66
C LEU A 435 26.89 -7.16 2.18
N GLU A 436 28.12 -6.64 2.23
CA GLU A 436 29.26 -7.39 1.71
C GLU A 436 29.54 -8.65 2.54
N ASN A 437 29.11 -8.69 3.80
CA ASN A 437 29.34 -9.85 4.63
C ASN A 437 28.43 -11.01 4.26
N VAL A 438 27.19 -10.72 3.85
CA VAL A 438 26.25 -11.77 3.46
C VAL A 438 26.56 -12.26 2.05
N MET A 439 26.98 -11.36 1.16
CA MET A 439 27.27 -11.77 -0.22
C MET A 439 28.49 -12.67 -0.30
N GLN A 440 29.44 -12.52 0.62
CA GLN A 440 30.68 -13.30 0.57
C GLN A 440 30.65 -14.53 1.45
N ASN A 441 30.06 -14.44 2.64
CA ASN A 441 30.04 -15.54 3.59
C ASN A 441 28.68 -16.23 3.71
N GLY A 442 27.60 -15.55 3.37
CA GLY A 442 26.28 -16.14 3.48
C GLY A 442 25.64 -15.89 4.83
N PRO B 2 6.56 4.76 -6.20
CA PRO B 2 6.48 6.23 -6.13
C PRO B 2 5.18 6.77 -6.73
N PRO B 3 4.51 7.67 -6.00
CA PRO B 3 3.23 8.21 -6.48
C PRO B 3 3.37 9.05 -7.74
N ALA B 4 4.10 10.14 -7.63
CA ALA B 4 4.39 10.98 -8.79
C ALA B 4 5.85 10.80 -9.13
#